data_5LSY
#
_entry.id   5LSY
#
_cell.length_a   58.983
_cell.length_b   61.504
_cell.length_c   77.308
_cell.angle_alpha   90.00
_cell.angle_beta   90.00
_cell.angle_gamma   90.00
#
_symmetry.space_group_name_H-M   'P 21 21 21'
#
loop_
_entity.id
_entity.type
_entity.pdbx_description
1 polymer 'Histone-lysine N-methyltransferase SETD2'
2 non-polymer 'ZINC ION'
3 non-polymer 'THIOCYANATE ION'
4 non-polymer [(2~{S},5~{R})-1-[(2~{R},3~{S},4~{R},5~{R})-5-(6-aminopurin-9-yl)-3,4-bis(oxidanyl)oxolan-2-yl]-5-azaniumyl-6-oxidanyl-6-oxidanylidene-hexan-2-yl]-(2-methylpropyl)azanium
5 water water
#
_entity_poly.entity_id   1
_entity_poly.type   'polypeptide(L)'
_entity_poly.pdbx_seq_one_letter_code
;MHHHHHHSSGRENLYFQGETSVPPGSALVGPSCVMDDFRDPQRWKECAKQGKMPCYFDLIEENVYLTERKKNKSHRDIKR
MQCECTPLSKDERAQGEIACGEDCLNRLLMIECSSRCPNGDYCSNRRFQRKQHADVEVILTEKKGWGLRAAKDLPSNTFV
LEYCGEVLDHKEFKARVKEYARNKNIHYYFMALKNDEIIDATQKGNCSRFMNHSCEPNCETQKWTVNGQLRVGFFTTKLV
PSGSELTFDYQFQRYGKEAQKCFCGSANCRGYLGGENRVSIRAAGGKMKKERSRK
;
_entity_poly.pdbx_strand_id   A
#
# COMPACT_ATOMS: atom_id res chain seq x y z
N GLY A 18 19.39 27.73 23.42
CA GLY A 18 18.89 28.02 24.80
C GLY A 18 18.42 26.79 25.57
N GLU A 19 18.25 26.98 26.88
CA GLU A 19 17.61 25.98 27.76
C GLU A 19 16.25 25.58 27.15
N THR A 20 16.04 24.28 26.97
CA THR A 20 14.73 23.77 26.50
C THR A 20 13.84 23.40 27.70
N SER A 21 12.55 23.30 27.44
CA SER A 21 11.59 22.97 28.48
C SER A 21 10.44 22.17 27.86
N VAL A 22 9.73 21.44 28.71
CA VAL A 22 8.54 20.70 28.30
C VAL A 22 7.54 21.73 27.77
N PRO A 23 7.08 21.58 26.52
CA PRO A 23 6.12 22.59 26.05
C PRO A 23 4.76 22.54 26.77
N PRO A 24 4.05 23.67 26.82
CA PRO A 24 2.69 23.67 27.35
C PRO A 24 1.77 22.82 26.48
N GLY A 25 0.67 22.34 27.03
CA GLY A 25 -0.35 21.68 26.23
C GLY A 25 -0.88 22.63 25.17
N SER A 26 -0.99 22.14 23.95
CA SER A 26 -1.51 22.91 22.84
C SER A 26 -2.71 22.17 22.23
N ALA A 27 -3.84 22.86 22.15
CA ALA A 27 -5.02 22.40 21.41
C ALA A 27 -5.11 23.23 20.11
N LEU A 28 -5.44 22.55 19.01
CA LEU A 28 -5.81 23.25 17.76
C LEU A 28 -7.16 23.94 17.93
N VAL A 29 -7.40 24.96 17.12
CA VAL A 29 -8.67 25.68 17.07
C VAL A 29 -9.49 25.10 15.92
N GLY A 30 -8.99 25.24 14.69
CA GLY A 30 -9.58 24.58 13.53
C GLY A 30 -9.38 23.08 13.73
N PRO A 31 -10.48 22.30 13.86
CA PRO A 31 -10.35 20.87 14.20
C PRO A 31 -9.38 20.11 13.29
N SER A 32 -8.61 19.19 13.86
CA SER A 32 -7.58 18.46 13.11
C SER A 32 -8.23 17.44 12.18
N CYS A 33 -7.50 17.10 11.11
CA CYS A 33 -7.99 16.15 10.12
C CYS A 33 -7.67 14.74 10.64
N VAL A 34 -8.61 13.80 10.47
CA VAL A 34 -8.49 12.41 10.93
C VAL A 34 -8.65 11.43 9.76
N MET A 35 -8.34 10.16 9.97
CA MET A 35 -8.37 9.16 8.88
C MET A 35 -9.77 8.96 8.31
N ASP A 36 -10.81 9.15 9.14
CA ASP A 36 -12.18 9.05 8.64
C ASP A 36 -12.51 10.20 7.67
N ASP A 37 -11.74 11.28 7.69
CA ASP A 37 -11.94 12.38 6.72
C ASP A 37 -11.64 12.00 5.27
N PHE A 38 -10.90 10.93 5.03
CA PHE A 38 -10.78 10.33 3.68
C PHE A 38 -12.09 9.73 3.12
N ARG A 39 -13.09 9.54 3.98
CA ARG A 39 -14.43 9.11 3.56
C ARG A 39 -15.42 10.28 3.60
N ASP A 40 -14.90 11.51 3.69
CA ASP A 40 -15.70 12.72 3.80
C ASP A 40 -15.09 13.78 2.84
N PRO A 41 -15.47 13.71 1.55
CA PRO A 41 -14.92 14.58 0.49
C PRO A 41 -14.92 16.07 0.78
N GLN A 42 -16.02 16.58 1.35
CA GLN A 42 -16.07 18.00 1.68
C GLN A 42 -15.00 18.37 2.70
N ARG A 43 -14.90 17.63 3.81
CA ARG A 43 -13.90 17.95 4.85
C ARG A 43 -12.48 17.76 4.33
N TRP A 44 -12.26 16.68 3.58
CA TRP A 44 -10.97 16.41 2.93
C TRP A 44 -10.53 17.55 2.01
N LYS A 45 -11.42 18.01 1.13
CA LYS A 45 -11.04 19.07 0.19
C LYS A 45 -10.68 20.37 0.95
N GLU A 46 -11.39 20.65 2.06
CA GLU A 46 -11.07 21.79 2.97
C GLU A 46 -9.65 21.65 3.54
N CYS A 47 -9.41 20.49 4.15
CA CYS A 47 -8.14 20.16 4.78
C CYS A 47 -6.98 20.22 3.78
N ALA A 48 -7.22 19.71 2.56
CA ALA A 48 -6.23 19.74 1.47
C ALA A 48 -5.80 21.13 1.05
N LYS A 49 -6.76 22.04 0.97
CA LYS A 49 -6.45 23.44 0.70
C LYS A 49 -5.47 23.98 1.76
N GLN A 50 -5.69 23.64 3.02
CA GLN A 50 -4.79 24.03 4.12
C GLN A 50 -3.48 23.22 4.24
N GLY A 51 -3.24 22.24 3.35
CA GLY A 51 -2.07 21.36 3.45
C GLY A 51 -2.05 20.39 4.63
N LYS A 52 -3.21 20.17 5.27
CA LYS A 52 -3.34 19.23 6.38
C LYS A 52 -3.74 17.83 5.90
N MET A 53 -4.06 17.73 4.61
CA MET A 53 -4.36 16.46 3.96
C MET A 53 -3.81 16.48 2.54
N PRO A 54 -3.52 15.29 1.99
CA PRO A 54 -3.04 15.23 0.60
C PRO A 54 -4.10 15.64 -0.41
N CYS A 55 -3.65 15.87 -1.63
CA CYS A 55 -4.53 16.23 -2.73
C CYS A 55 -5.62 15.15 -2.89
N TYR A 56 -6.83 15.60 -3.24
CA TYR A 56 -7.98 14.71 -3.36
C TYR A 56 -7.73 13.65 -4.43
N PHE A 57 -8.27 12.48 -4.20
CA PHE A 57 -8.35 11.41 -5.18
C PHE A 57 -9.63 10.66 -4.88
N ASP A 58 -10.05 9.77 -5.78
CA ASP A 58 -11.29 9.03 -5.59
C ASP A 58 -11.04 7.79 -4.75
N LEU A 59 -11.59 7.76 -3.53
CA LEU A 59 -11.40 6.62 -2.63
C LEU A 59 -12.28 5.49 -3.11
N ILE A 60 -11.68 4.36 -3.44
CA ILE A 60 -12.46 3.19 -3.90
C ILE A 60 -12.29 2.00 -2.96
N GLU A 61 -13.30 1.14 -2.93
CA GLU A 61 -13.36 0.02 -2.02
C GLU A 61 -12.83 -1.27 -2.64
N GLU A 62 -12.82 -1.33 -3.97
CA GLU A 62 -12.28 -2.46 -4.71
C GLU A 62 -11.74 -1.98 -6.05
N ASN A 63 -10.89 -2.77 -6.69
CA ASN A 63 -10.35 -2.41 -7.99
C ASN A 63 -11.43 -2.17 -9.02
N VAL A 64 -11.17 -1.23 -9.92
CA VAL A 64 -12.07 -0.90 -11.03
C VAL A 64 -11.44 -1.42 -12.32
N TYR A 65 -12.07 -2.39 -12.96
CA TYR A 65 -11.61 -2.87 -14.26
C TYR A 65 -12.15 -2.01 -15.38
N LEU A 66 -11.29 -1.59 -16.29
CA LEU A 66 -11.73 -0.78 -17.42
C LEU A 66 -12.20 -1.64 -18.59
N THR A 67 -11.34 -2.60 -18.96
CA THR A 67 -11.49 -3.40 -20.18
C THR A 67 -12.82 -4.17 -20.32
N ARG A 80 -15.30 -23.60 -4.74
CA ARG A 80 -14.16 -24.38 -5.23
C ARG A 80 -13.11 -24.68 -4.13
N MET A 81 -12.32 -23.70 -3.69
CA MET A 81 -11.23 -23.98 -2.72
C MET A 81 -11.70 -24.02 -1.25
N GLN A 82 -11.67 -25.21 -0.65
CA GLN A 82 -12.13 -25.45 0.73
C GLN A 82 -11.03 -26.05 1.60
N CYS A 83 -10.63 -25.35 2.66
CA CYS A 83 -9.54 -25.86 3.53
C CYS A 83 -10.01 -27.01 4.42
N GLU A 84 -9.08 -27.58 5.19
CA GLU A 84 -9.39 -28.71 6.10
C GLU A 84 -9.34 -28.29 7.57
N CYS A 85 -9.53 -27.00 7.85
CA CYS A 85 -9.34 -26.49 9.21
C CYS A 85 -10.47 -26.97 10.09
N THR A 86 -10.11 -27.43 11.28
CA THR A 86 -11.09 -27.85 12.27
C THR A 86 -11.86 -26.61 12.75
N PRO A 87 -13.21 -26.62 12.71
CA PRO A 87 -13.95 -25.48 13.28
C PRO A 87 -13.66 -25.24 14.76
N LEU A 88 -13.30 -24.00 15.12
CA LEU A 88 -12.93 -23.64 16.49
C LEU A 88 -14.13 -23.11 17.29
N GLU A 97 -5.17 -19.16 19.34
CA GLU A 97 -6.37 -20.00 19.14
C GLU A 97 -7.05 -19.65 17.79
N ILE A 98 -6.26 -19.64 16.71
CA ILE A 98 -6.59 -18.91 15.46
C ILE A 98 -7.40 -19.73 14.43
N ALA A 99 -8.56 -19.21 14.02
CA ALA A 99 -9.40 -19.87 13.01
C ALA A 99 -8.78 -19.65 11.62
N CYS A 100 -8.40 -20.73 10.96
CA CYS A 100 -7.68 -20.65 9.67
C CYS A 100 -6.36 -19.86 9.80
N GLY A 101 -5.56 -20.28 10.77
CA GLY A 101 -4.24 -19.73 11.02
C GLY A 101 -3.19 -20.23 10.03
N GLU A 102 -1.93 -20.21 10.49
CA GLU A 102 -0.78 -20.49 9.64
C GLU A 102 -0.78 -21.84 8.90
N ASP A 103 -1.49 -22.83 9.43
CA ASP A 103 -1.58 -24.17 8.81
C ASP A 103 -2.74 -24.37 7.84
N CYS A 104 -3.53 -23.32 7.61
CA CYS A 104 -4.72 -23.39 6.75
C CYS A 104 -4.26 -23.64 5.33
N LEU A 105 -4.82 -24.65 4.69
CA LEU A 105 -4.38 -25.05 3.35
C LEU A 105 -4.66 -24.00 2.28
N ASN A 106 -5.72 -23.22 2.43
CA ASN A 106 -5.94 -22.04 1.59
C ASN A 106 -4.87 -20.96 1.81
N ARG A 107 -4.67 -20.58 3.07
CA ARG A 107 -3.71 -19.53 3.44
C ARG A 107 -2.36 -19.85 2.89
N LEU A 108 -1.96 -21.12 3.00
CA LEU A 108 -0.63 -21.54 2.56
C LEU A 108 -0.36 -21.29 1.09
N LEU A 109 -1.42 -21.26 0.28
CA LEU A 109 -1.32 -21.03 -1.15
C LEU A 109 -1.69 -19.59 -1.52
N MET A 110 -1.86 -18.72 -0.51
CA MET A 110 -2.28 -17.33 -0.72
C MET A 110 -3.66 -17.31 -1.43
N ILE A 111 -4.55 -18.16 -0.94
CA ILE A 111 -5.97 -18.20 -1.35
C ILE A 111 -6.77 -17.86 -0.12
N GLU A 112 -7.69 -16.91 -0.26
CA GLU A 112 -8.67 -16.67 0.80
C GLU A 112 -9.78 -17.68 0.83
N CYS A 113 -10.29 -17.90 2.03
CA CYS A 113 -11.48 -18.72 2.20
C CYS A 113 -12.74 -18.00 1.67
N SER A 114 -13.77 -18.79 1.44
CA SER A 114 -15.10 -18.25 1.08
C SER A 114 -15.98 -18.22 2.31
N SER A 115 -17.21 -17.72 2.15
CA SER A 115 -18.24 -17.79 3.19
C SER A 115 -18.56 -19.22 3.67
N ARG A 116 -18.20 -20.24 2.88
CA ARG A 116 -18.39 -21.66 3.25
C ARG A 116 -17.28 -22.24 4.10
N CYS A 117 -16.29 -21.44 4.48
CA CYS A 117 -15.24 -21.88 5.37
C CYS A 117 -15.79 -22.67 6.58
N PRO A 118 -15.12 -23.79 7.00
CA PRO A 118 -15.53 -24.47 8.25
C PRO A 118 -15.60 -23.58 9.49
N ASN A 119 -14.82 -22.51 9.54
CA ASN A 119 -14.85 -21.59 10.67
C ASN A 119 -15.86 -20.46 10.53
N GLY A 120 -16.66 -20.53 9.48
CA GLY A 120 -17.68 -19.53 9.15
C GLY A 120 -17.20 -18.09 9.31
N ASP A 121 -17.99 -17.32 10.06
CA ASP A 121 -17.76 -15.89 10.35
C ASP A 121 -16.38 -15.64 10.96
N TYR A 122 -15.86 -16.62 11.69
CA TYR A 122 -14.68 -16.42 12.49
C TYR A 122 -13.39 -16.67 11.73
N CYS A 123 -13.50 -17.16 10.50
CA CYS A 123 -12.29 -17.33 9.64
C CYS A 123 -11.41 -16.09 9.62
N SER A 124 -10.12 -16.25 9.94
CA SER A 124 -9.17 -15.14 9.89
C SER A 124 -8.47 -14.96 8.53
N ASN A 125 -8.87 -15.77 7.56
CA ASN A 125 -8.25 -15.80 6.22
C ASN A 125 -9.19 -15.21 5.16
N ARG A 126 -9.90 -14.14 5.53
CA ARG A 126 -10.79 -13.43 4.59
C ARG A 126 -10.52 -11.91 4.72
N ARG A 127 -9.25 -11.58 4.96
CA ARG A 127 -8.83 -10.23 5.27
C ARG A 127 -9.12 -9.22 4.14
N PHE A 128 -8.85 -9.58 2.87
CA PHE A 128 -9.12 -8.68 1.73
C PHE A 128 -10.64 -8.50 1.63
N GLN A 129 -11.39 -9.59 1.77
CA GLN A 129 -12.84 -9.52 1.64
C GLN A 129 -13.49 -8.68 2.73
N ARG A 130 -12.94 -8.77 3.94
CA ARG A 130 -13.49 -8.03 5.07
C ARG A 130 -12.78 -6.69 5.27
N LYS A 131 -11.80 -6.41 4.44
CA LYS A 131 -11.05 -5.16 4.48
C LYS A 131 -10.47 -4.94 5.87
N GLN A 132 -9.86 -5.99 6.40
CA GLN A 132 -9.31 -6.03 7.76
C GLN A 132 -7.92 -5.40 7.76
N HIS A 133 -7.86 -4.14 7.35
CA HIS A 133 -6.60 -3.41 7.18
C HIS A 133 -6.02 -3.13 8.56
N ALA A 134 -4.71 -2.96 8.61
CA ALA A 134 -4.02 -2.60 9.84
C ALA A 134 -4.38 -1.16 10.23
N ASP A 135 -4.07 -0.79 11.48
CA ASP A 135 -4.24 0.55 11.96
C ASP A 135 -3.11 1.40 11.40
N VAL A 136 -3.44 2.21 10.39
CA VAL A 136 -2.46 3.08 9.73
C VAL A 136 -2.90 4.53 9.75
N GLU A 137 -1.90 5.41 9.62
CA GLU A 137 -2.09 6.83 9.57
C GLU A 137 -1.27 7.40 8.44
N VAL A 138 -1.78 8.46 7.83
CA VAL A 138 -1.09 9.13 6.74
C VAL A 138 -0.25 10.25 7.34
N ILE A 139 1.00 10.35 6.88
CA ILE A 139 1.95 11.32 7.42
C ILE A 139 2.54 12.15 6.27
N LEU A 140 3.07 13.34 6.60
CA LEU A 140 3.77 14.17 5.64
C LEU A 140 5.27 14.07 5.98
N THR A 141 6.03 13.56 5.05
CA THR A 141 7.48 13.38 5.20
C THR A 141 8.20 14.62 4.72
N GLU A 142 9.47 14.75 5.14
CA GLU A 142 10.29 15.90 4.77
C GLU A 142 10.53 15.96 3.28
N LYS A 143 10.83 14.82 2.67
CA LYS A 143 11.35 14.80 1.28
C LYS A 143 10.53 14.01 0.27
N LYS A 144 9.71 13.07 0.70
CA LYS A 144 9.09 12.13 -0.22
C LYS A 144 7.61 12.41 -0.50
N GLY A 145 7.07 13.50 0.05
CA GLY A 145 5.62 13.75 0.06
C GLY A 145 4.97 13.02 1.22
N TRP A 146 3.71 12.61 1.02
CA TRP A 146 2.97 11.88 2.03
C TRP A 146 3.49 10.44 2.17
N GLY A 147 3.11 9.80 3.24
CA GLY A 147 3.53 8.42 3.51
C GLY A 147 2.52 7.77 4.42
N LEU A 148 2.79 6.50 4.75
CA LEU A 148 1.94 5.72 5.66
CA LEU A 148 1.93 5.73 5.65
C LEU A 148 2.75 5.30 6.86
N ARG A 149 2.13 5.36 8.04
CA ARG A 149 2.77 4.86 9.24
C ARG A 149 1.88 3.89 10.00
N ALA A 150 2.53 2.95 10.70
CA ALA A 150 1.84 2.05 11.65
C ALA A 150 1.36 2.84 12.87
N ALA A 151 0.09 2.68 13.24
CA ALA A 151 -0.49 3.27 14.45
C ALA A 151 -0.46 2.32 15.64
N LYS A 152 -0.14 1.05 15.39
CA LYS A 152 0.06 0.04 16.42
C LYS A 152 1.27 -0.78 16.04
N ASP A 153 1.85 -1.51 16.99
CA ASP A 153 2.86 -2.53 16.65
C ASP A 153 2.22 -3.53 15.70
N LEU A 154 2.87 -3.81 14.58
CA LEU A 154 2.37 -4.80 13.62
C LEU A 154 3.34 -5.96 13.54
N PRO A 155 2.91 -7.15 13.95
CA PRO A 155 3.71 -8.37 13.72
C PRO A 155 4.09 -8.57 12.26
N SER A 156 5.14 -9.33 12.06
CA SER A 156 5.52 -9.77 10.74
C SER A 156 4.36 -10.54 10.06
N ASN A 157 4.26 -10.33 8.76
CA ASN A 157 3.20 -10.84 7.90
C ASN A 157 1.79 -10.40 8.34
N THR A 158 1.67 -9.17 8.81
CA THR A 158 0.37 -8.53 9.00
C THR A 158 -0.08 -7.84 7.73
N PHE A 159 -1.33 -8.09 7.35
CA PHE A 159 -1.99 -7.39 6.25
C PHE A 159 -2.10 -5.91 6.61
N VAL A 160 -1.54 -5.07 5.76
CA VAL A 160 -1.57 -3.62 5.95
C VAL A 160 -2.81 -3.05 5.27
N LEU A 161 -2.85 -3.15 3.95
CA LEU A 161 -3.90 -2.57 3.10
C LEU A 161 -3.83 -3.23 1.76
N GLU A 162 -4.99 -3.35 1.12
CA GLU A 162 -5.02 -3.72 -0.31
C GLU A 162 -4.58 -2.54 -1.16
N TYR A 163 -3.77 -2.82 -2.17
CA TYR A 163 -3.42 -1.84 -3.18
C TYR A 163 -4.53 -1.83 -4.22
N CYS A 164 -5.44 -0.88 -4.11
CA CYS A 164 -6.56 -0.76 -5.01
C CYS A 164 -6.28 0.30 -6.05
N GLY A 165 -6.87 0.12 -7.21
CA GLY A 165 -6.84 1.15 -8.26
C GLY A 165 -7.63 0.77 -9.49
N GLU A 166 -7.37 1.50 -10.56
CA GLU A 166 -7.88 1.14 -11.85
C GLU A 166 -6.98 0.11 -12.48
N VAL A 167 -7.57 -0.99 -12.97
CA VAL A 167 -6.78 -2.04 -13.57
C VAL A 167 -6.72 -1.80 -15.08
N LEU A 168 -5.50 -1.60 -15.56
CA LEU A 168 -5.28 -1.16 -16.93
C LEU A 168 -4.73 -2.30 -17.77
N ASP A 169 -5.18 -2.38 -19.01
CA ASP A 169 -4.49 -3.22 -20.00
C ASP A 169 -3.23 -2.49 -20.52
N HIS A 170 -2.46 -3.17 -21.35
CA HIS A 170 -1.21 -2.64 -21.89
CA HIS A 170 -1.20 -2.62 -21.87
C HIS A 170 -1.42 -1.31 -22.63
N LYS A 171 -2.48 -1.24 -23.42
CA LYS A 171 -2.77 -0.06 -24.23
C LYS A 171 -3.02 1.13 -23.36
N GLU A 172 -3.87 0.92 -22.35
CA GLU A 172 -4.25 2.04 -21.48
C GLU A 172 -3.09 2.43 -20.64
N PHE A 173 -2.31 1.44 -20.18
CA PHE A 173 -1.11 1.73 -19.44
C PHE A 173 -0.13 2.60 -20.24
N LYS A 174 0.19 2.20 -21.46
CA LYS A 174 1.12 2.96 -22.29
C LYS A 174 0.62 4.41 -22.51
N ALA A 175 -0.68 4.57 -22.71
CA ALA A 175 -1.27 5.90 -22.90
C ALA A 175 -1.06 6.73 -21.63
N ARG A 176 -1.39 6.15 -20.47
CA ARG A 176 -1.26 6.93 -19.23
C ARG A 176 0.17 7.26 -18.84
N VAL A 177 1.13 6.37 -19.15
CA VAL A 177 2.54 6.65 -18.96
C VAL A 177 2.91 7.93 -19.73
N LYS A 178 2.46 8.04 -20.96
CA LYS A 178 2.74 9.23 -21.76
C LYS A 178 2.00 10.46 -21.20
N GLU A 179 0.76 10.25 -20.77
CA GLU A 179 -0.06 11.30 -20.18
C GLU A 179 0.59 11.89 -18.94
N TYR A 180 1.03 11.00 -18.05
CA TYR A 180 1.60 11.41 -16.78
C TYR A 180 2.95 12.07 -16.98
N ALA A 181 3.75 11.54 -17.91
CA ALA A 181 5.05 12.14 -18.23
C ALA A 181 4.89 13.55 -18.81
N ARG A 182 3.94 13.75 -19.71
CA ARG A 182 3.68 15.07 -20.29
CA ARG A 182 3.68 15.07 -20.29
C ARG A 182 3.21 16.04 -19.21
N ASN A 183 2.44 15.55 -18.25
CA ASN A 183 1.96 16.39 -17.15
C ASN A 183 3.00 16.66 -16.06
N LYS A 184 4.20 16.10 -16.20
CA LYS A 184 5.30 16.24 -15.26
C LYS A 184 4.92 15.78 -13.86
N ASN A 185 4.16 14.71 -13.78
CA ASN A 185 3.76 14.18 -12.47
C ASN A 185 4.95 13.87 -11.60
N ILE A 186 4.84 14.29 -10.35
CA ILE A 186 5.92 14.11 -9.38
C ILE A 186 5.99 12.70 -8.81
N HIS A 187 4.83 12.08 -8.58
CA HIS A 187 4.74 10.76 -7.96
C HIS A 187 4.08 9.81 -8.92
N TYR A 188 4.49 8.55 -8.82
CA TYR A 188 3.89 7.45 -9.57
C TYR A 188 3.19 6.45 -8.69
N TYR A 189 2.16 5.80 -9.27
CA TYR A 189 1.23 4.94 -8.50
C TYR A 189 0.87 3.67 -9.27
N PHE A 190 1.75 3.29 -10.18
CA PHE A 190 1.56 2.05 -10.94
C PHE A 190 2.11 0.87 -10.16
N MET A 191 1.40 -0.27 -10.22
CA MET A 191 1.90 -1.53 -9.73
C MET A 191 1.37 -2.66 -10.60
N ALA A 192 2.28 -3.49 -11.08
CA ALA A 192 1.90 -4.67 -11.85
C ALA A 192 1.11 -5.65 -11.02
N LEU A 193 0.02 -6.14 -11.59
CA LEU A 193 -0.80 -7.18 -10.93
C LEU A 193 -0.50 -8.51 -11.58
N LYS A 194 -0.60 -8.57 -12.88
CA LYS A 194 -0.16 -9.74 -13.63
C LYS A 194 0.39 -9.29 -14.95
N ASN A 195 1.00 -10.20 -15.70
CA ASN A 195 1.79 -9.81 -16.89
C ASN A 195 1.01 -8.92 -17.91
N ASP A 196 -0.34 -9.01 -17.94
CA ASP A 196 -1.18 -8.12 -18.81
C ASP A 196 -2.02 -7.03 -18.09
N GLU A 197 -1.83 -6.84 -16.78
CA GLU A 197 -2.67 -5.97 -15.98
C GLU A 197 -1.84 -5.14 -14.99
N ILE A 198 -1.97 -3.80 -15.05
CA ILE A 198 -1.25 -2.87 -14.22
C ILE A 198 -2.28 -2.08 -13.42
N ILE A 199 -2.12 -2.05 -12.10
CA ILE A 199 -3.03 -1.24 -11.29
C ILE A 199 -2.49 0.19 -11.30
N ASP A 200 -3.37 1.14 -11.55
CA ASP A 200 -3.03 2.56 -11.48
C ASP A 200 -3.87 3.21 -10.40
N ALA A 201 -3.22 3.65 -9.31
CA ALA A 201 -3.91 4.36 -8.24
C ALA A 201 -3.74 5.87 -8.30
N THR A 202 -3.36 6.41 -9.47
CA THR A 202 -3.13 7.85 -9.58
C THR A 202 -4.40 8.65 -9.29
N GLN A 203 -5.51 8.22 -9.88
CA GLN A 203 -6.82 8.92 -9.81
C GLN A 203 -7.75 8.28 -8.76
N LYS A 204 -7.73 6.96 -8.71
CA LYS A 204 -8.65 6.17 -7.89
C LYS A 204 -7.86 5.13 -7.11
N GLY A 205 -8.08 5.01 -5.82
CA GLY A 205 -7.39 3.97 -5.02
C GLY A 205 -7.74 4.13 -3.57
N ASN A 206 -6.81 3.77 -2.69
CA ASN A 206 -7.01 4.05 -1.24
C ASN A 206 -5.70 4.57 -0.64
N CYS A 207 -5.58 4.65 0.69
CA CYS A 207 -4.39 5.27 1.24
C CYS A 207 -3.10 4.49 1.04
N SER A 208 -3.18 3.22 0.59
CA SER A 208 -1.98 2.47 0.22
C SER A 208 -1.19 3.18 -0.88
N ARG A 209 -1.86 4.01 -1.68
CA ARG A 209 -1.12 4.80 -2.70
C ARG A 209 0.00 5.67 -2.11
N PHE A 210 -0.07 6.00 -0.82
CA PHE A 210 0.95 6.84 -0.21
C PHE A 210 2.21 6.10 0.20
N MET A 211 2.24 4.77 0.06
CA MET A 211 3.41 4.01 0.54
C MET A 211 4.66 4.42 -0.21
N ASN A 212 5.73 4.63 0.55
CA ASN A 212 7.00 5.06 -0.03
C ASN A 212 7.99 3.93 -0.14
N HIS A 213 8.97 4.15 -1.01
CA HIS A 213 10.03 3.22 -1.29
C HIS A 213 11.13 3.29 -0.22
N SER A 214 11.63 2.15 0.20
CA SER A 214 12.87 2.08 0.94
C SER A 214 13.76 1.01 0.37
N CYS A 215 15.04 1.30 0.38
CA CYS A 215 16.06 0.33 0.00
C CYS A 215 16.21 -0.81 1.01
N GLU A 216 15.70 -0.60 2.25
CA GLU A 216 15.67 -1.60 3.28
CA GLU A 216 15.68 -1.58 3.32
C GLU A 216 14.26 -1.55 3.89
N PRO A 217 13.28 -2.09 3.14
CA PRO A 217 11.86 -1.89 3.50
C PRO A 217 11.36 -2.79 4.62
N ASN A 218 10.20 -2.45 5.16
CA ASN A 218 9.54 -3.28 6.18
C ASN A 218 8.23 -3.91 5.73
N CYS A 219 7.83 -3.71 4.48
CA CYS A 219 6.66 -4.37 3.90
C CYS A 219 7.04 -4.91 2.53
N GLU A 220 6.21 -5.83 2.06
CA GLU A 220 6.25 -6.38 0.71
C GLU A 220 4.84 -6.42 0.14
N THR A 221 4.74 -6.63 -1.17
CA THR A 221 3.44 -7.00 -1.72
C THR A 221 3.28 -8.54 -1.72
N GLN A 222 2.03 -8.96 -1.55
CA GLN A 222 1.63 -10.35 -1.83
C GLN A 222 0.37 -10.33 -2.68
N LYS A 223 0.35 -11.26 -3.66
CA LYS A 223 -0.77 -11.41 -4.57
C LYS A 223 -1.61 -12.62 -4.18
N TRP A 224 -2.82 -12.35 -3.74
CA TRP A 224 -3.72 -13.32 -3.17
C TRP A 224 -4.88 -13.58 -4.14
N THR A 225 -5.38 -14.80 -4.17
CA THR A 225 -6.56 -15.17 -4.98
C THR A 225 -7.79 -15.11 -4.09
N VAL A 226 -8.75 -14.30 -4.49
CA VAL A 226 -9.98 -14.02 -3.71
C VAL A 226 -11.13 -14.23 -4.68
N ASN A 227 -11.93 -15.26 -4.43
CA ASN A 227 -13.03 -15.65 -5.33
CA ASN A 227 -13.02 -15.66 -5.32
C ASN A 227 -12.51 -15.73 -6.77
N GLY A 228 -11.36 -16.37 -6.94
CA GLY A 228 -10.77 -16.55 -8.25
C GLY A 228 -10.11 -15.38 -8.94
N GLN A 229 -10.07 -14.22 -8.28
CA GLN A 229 -9.51 -13.01 -8.88
C GLN A 229 -8.26 -12.65 -8.07
N LEU A 230 -7.19 -12.32 -8.77
CA LEU A 230 -5.95 -11.94 -8.11
C LEU A 230 -6.07 -10.51 -7.59
N ARG A 231 -5.66 -10.29 -6.35
CA ARG A 231 -5.63 -8.97 -5.74
C ARG A 231 -4.27 -8.80 -5.06
N VAL A 232 -3.83 -7.57 -4.84
CA VAL A 232 -2.52 -7.37 -4.27
C VAL A 232 -2.64 -6.52 -3.04
N GLY A 233 -1.88 -6.89 -2.02
CA GLY A 233 -1.83 -6.16 -0.79
C GLY A 233 -0.43 -5.97 -0.24
N PHE A 234 -0.30 -5.03 0.67
CA PHE A 234 0.93 -4.79 1.39
C PHE A 234 0.86 -5.58 2.70
N PHE A 235 1.98 -6.25 3.00
CA PHE A 235 2.15 -7.02 4.22
C PHE A 235 3.49 -6.68 4.84
N THR A 236 3.53 -6.59 6.16
CA THR A 236 4.78 -6.38 6.86
C THR A 236 5.68 -7.61 6.65
N THR A 237 6.98 -7.38 6.66
CA THR A 237 7.97 -8.45 6.59
C THR A 237 8.81 -8.58 7.87
N LYS A 238 8.50 -7.73 8.84
CA LYS A 238 9.07 -7.83 10.18
C LYS A 238 8.09 -7.18 11.13
N LEU A 239 8.39 -7.28 12.43
CA LEU A 239 7.69 -6.49 13.45
C LEU A 239 7.95 -5.01 13.15
N VAL A 240 6.88 -4.27 12.91
CA VAL A 240 6.98 -2.83 12.67
C VAL A 240 6.42 -2.13 13.92
N PRO A 241 7.26 -1.40 14.66
CA PRO A 241 6.71 -0.81 15.87
C PRO A 241 5.78 0.38 15.59
N SER A 242 4.85 0.63 16.51
CA SER A 242 3.91 1.72 16.39
C SER A 242 4.71 2.99 16.11
N GLY A 243 4.22 3.83 15.20
CA GLY A 243 4.85 5.07 14.82
C GLY A 243 5.84 5.01 13.66
N SER A 244 6.23 3.81 13.23
CA SER A 244 7.21 3.64 12.16
C SER A 244 6.56 3.81 10.78
N GLU A 245 7.25 4.50 9.89
CA GLU A 245 6.80 4.57 8.50
C GLU A 245 6.85 3.18 7.88
N LEU A 246 5.78 2.85 7.15
CA LEU A 246 5.68 1.61 6.40
C LEU A 246 6.27 1.85 5.01
N THR A 247 7.15 0.95 4.60
CA THR A 247 7.89 1.14 3.35
C THR A 247 7.96 -0.16 2.56
N PHE A 248 8.23 -0.03 1.28
CA PHE A 248 8.32 -1.23 0.40
C PHE A 248 9.40 -1.03 -0.69
N ASP A 249 9.74 -2.11 -1.35
CA ASP A 249 10.60 -2.05 -2.53
C ASP A 249 9.72 -1.74 -3.75
N TYR A 250 9.80 -0.49 -4.22
CA TYR A 250 9.00 -0.02 -5.36
C TYR A 250 9.56 -0.50 -6.68
N GLN A 251 9.29 -1.78 -6.96
CA GLN A 251 9.90 -2.47 -8.09
C GLN A 251 9.59 -1.77 -9.43
N PHE A 252 8.36 -1.28 -9.59
CA PHE A 252 7.97 -0.65 -10.84
C PHE A 252 8.95 0.45 -11.24
N GLN A 253 9.26 1.31 -10.26
CA GLN A 253 10.20 2.38 -10.50
C GLN A 253 11.63 1.97 -10.41
N ARG A 254 11.94 1.06 -9.50
CA ARG A 254 13.34 0.66 -9.27
C ARG A 254 13.98 0.16 -10.55
N TYR A 255 13.24 -0.69 -11.26
CA TYR A 255 13.75 -1.25 -12.52
C TYR A 255 13.35 -0.51 -13.80
N GLY A 256 12.70 0.64 -13.64
CA GLY A 256 12.42 1.51 -14.79
C GLY A 256 13.65 2.22 -15.31
N LYS A 257 13.49 2.87 -16.46
CA LYS A 257 14.65 3.42 -17.16
C LYS A 257 15.25 4.65 -16.48
N GLU A 258 14.41 5.53 -15.97
CA GLU A 258 14.93 6.78 -15.43
C GLU A 258 15.11 6.65 -13.94
N ALA A 259 15.86 7.58 -13.36
CA ALA A 259 16.18 7.50 -11.94
C ALA A 259 15.86 8.79 -11.23
N GLN A 260 15.82 8.74 -9.92
CA GLN A 260 15.67 9.93 -9.11
C GLN A 260 16.37 9.71 -7.76
N LYS A 261 16.73 10.80 -7.11
CA LYS A 261 17.32 10.72 -5.78
C LYS A 261 16.43 9.88 -4.84
N CYS A 262 17.04 8.95 -4.11
CA CYS A 262 16.33 8.19 -3.09
C CYS A 262 16.52 8.82 -1.73
N PHE A 263 15.41 9.16 -1.09
CA PHE A 263 15.38 9.78 0.23
C PHE A 263 15.04 8.80 1.36
N CYS A 264 15.25 7.51 1.18
CA CYS A 264 14.81 6.56 2.16
C CYS A 264 15.60 6.64 3.47
N GLY A 265 16.82 7.15 3.45
CA GLY A 265 17.63 7.24 4.66
C GLY A 265 18.24 5.95 5.22
N SER A 266 18.04 4.84 4.52
N SER A 266 18.04 4.83 4.51
N SER A 266 18.04 4.83 4.53
CA SER A 266 18.52 3.54 4.99
CA SER A 266 18.53 3.53 4.96
CA SER A 266 18.46 3.55 5.08
C SER A 266 20.03 3.51 5.03
C SER A 266 20.04 3.52 5.03
C SER A 266 20.00 3.50 5.04
N ALA A 267 20.59 2.75 5.98
CA ALA A 267 22.03 2.58 6.10
C ALA A 267 22.70 2.15 4.79
N ASN A 268 22.03 1.27 4.02
CA ASN A 268 22.54 0.81 2.74
C ASN A 268 21.70 1.27 1.55
N CYS A 269 21.19 2.50 1.64
CA CYS A 269 20.42 3.10 0.55
C CYS A 269 21.26 3.06 -0.71
N ARG A 270 20.62 2.66 -1.80
CA ARG A 270 21.30 2.62 -3.09
C ARG A 270 21.53 3.98 -3.79
N GLY A 271 21.08 5.09 -3.19
CA GLY A 271 21.40 6.45 -3.63
C GLY A 271 20.34 7.04 -4.56
N TYR A 272 19.90 6.21 -5.49
CA TYR A 272 18.82 6.58 -6.37
C TYR A 272 17.86 5.45 -6.56
N LEU A 273 16.65 5.82 -6.96
CA LEU A 273 15.57 4.91 -7.21
C LEU A 273 15.35 4.97 -8.70
N GLY A 274 15.53 3.82 -9.37
CA GLY A 274 15.39 3.72 -10.80
C GLY A 274 16.73 3.49 -11.49
N GLY A 275 16.66 3.18 -12.78
CA GLY A 275 17.85 2.90 -13.56
C GLY A 275 18.65 1.65 -13.22
N GLU A 276 18.00 0.69 -12.58
CA GLU A 276 18.61 -0.49 -12.10
C GLU A 276 18.06 -1.65 -12.92
N ASN A 277 18.87 -2.69 -13.09
CA ASN A 277 18.44 -3.97 -13.63
C ASN A 277 18.53 -5.07 -12.58
N ARG A 278 17.61 -6.01 -12.63
CA ARG A 278 17.76 -7.21 -11.80
C ARG A 278 19.05 -7.93 -12.18
N VAL A 279 19.53 -8.74 -11.26
CA VAL A 279 20.75 -9.49 -11.46
C VAL A 279 20.61 -10.44 -12.66
N SER A 280 21.62 -10.39 -13.53
CA SER A 280 21.74 -11.33 -14.65
C SER A 280 23.20 -11.71 -14.90
N ILE A 281 23.37 -12.83 -15.58
CA ILE A 281 24.69 -13.36 -15.88
C ILE A 281 24.68 -13.41 -17.39
N ARG A 282 25.43 -12.50 -18.03
CA ARG A 282 25.25 -12.28 -19.46
C ARG A 282 26.20 -13.05 -20.37
N ALA A 283 25.76 -13.14 -21.63
CA ALA A 283 26.52 -13.56 -22.82
C ALA A 283 26.26 -15.02 -23.17
#